data_7QCS
#
_entry.id   7QCS
#
_cell.length_a   88.75
_cell.length_b   131.55
_cell.length_c   70.93
_cell.angle_alpha   90
_cell.angle_beta   90
_cell.angle_gamma   90
#
_symmetry.space_group_name_H-M   'C 2 2 21'
#
loop_
_entity.id
_entity.type
_entity.pdbx_description
1 polymer 'Protein PALS1'
2 polymer 'Envelope small membrane protein'
#
loop_
_entity_poly.entity_id
_entity_poly.type
_entity_poly.pdbx_seq_one_letter_code
_entity_poly.pdbx_strand_id
1 'polypeptide(L)'
;GTDERVYESIGQYGGETVKIVRIEKARDIPLGATVRNEMDSVIISRIVKGGAAEKSGLLHEGDEVLEINGIEIRGKDVNE
VFDLLSDMHGTLTFVLIPSQ
;
A,B,E
2 'polypeptide(L)' NLNSSRVPDLLV C,D
#
# COMPACT_ATOMS: atom_id res chain seq x y z
N ASP A 3 -13.00 -46.53 40.61
CA ASP A 3 -13.17 -45.77 39.37
C ASP A 3 -11.93 -44.94 39.05
N GLU A 4 -11.77 -44.67 37.75
CA GLU A 4 -10.67 -43.90 37.18
C GLU A 4 -11.24 -43.30 35.91
N ARG A 5 -11.24 -41.98 35.83
CA ARG A 5 -11.79 -41.23 34.70
C ARG A 5 -10.65 -40.45 34.15
N VAL A 6 -10.31 -40.69 32.89
CA VAL A 6 -9.13 -40.05 32.29
C VAL A 6 -9.51 -39.03 31.21
N TYR A 7 -9.00 -37.82 31.38
CA TYR A 7 -9.31 -36.71 30.48
C TYR A 7 -8.01 -36.28 29.86
N GLU A 8 -7.71 -36.83 28.68
CA GLU A 8 -6.47 -36.58 27.95
C GLU A 8 -6.53 -35.32 27.09
N SER A 9 -5.36 -34.87 26.56
CA SER A 9 -5.18 -33.79 25.62
C SER A 9 -5.65 -32.40 26.05
N ILE A 10 -5.80 -32.16 27.38
CA ILE A 10 -6.32 -30.88 27.81
C ILE A 10 -5.17 -29.83 27.77
N GLY A 11 -5.41 -28.74 27.07
CA GLY A 11 -4.39 -27.72 26.86
C GLY A 11 -3.60 -27.91 25.56
N GLN A 12 -4.13 -28.74 24.66
CA GLN A 12 -3.55 -29.05 23.37
C GLN A 12 -3.34 -27.77 22.56
N TYR A 13 -2.28 -27.73 21.80
CA TYR A 13 -1.95 -26.58 20.97
C TYR A 13 -1.25 -27.08 19.73
N GLY A 14 -1.53 -26.44 18.61
CA GLY A 14 -0.93 -26.86 17.33
C GLY A 14 0.32 -26.10 16.91
N GLY A 15 0.79 -25.22 17.79
CA GLY A 15 1.99 -24.43 17.57
C GLY A 15 1.76 -23.19 16.74
N GLU A 16 2.86 -22.53 16.34
CA GLU A 16 2.90 -21.35 15.48
C GLU A 16 3.67 -21.67 14.18
N THR A 17 3.41 -20.90 13.13
CA THR A 17 4.12 -21.08 11.89
C THR A 17 5.18 -19.99 11.77
N VAL A 18 6.31 -20.36 11.20
CA VAL A 18 7.37 -19.44 10.95
C VAL A 18 7.43 -19.33 9.43
N LYS A 19 7.40 -18.10 8.91
CA LYS A 19 7.38 -17.78 7.50
C LYS A 19 8.71 -17.16 7.13
N ILE A 20 9.31 -17.61 6.03
CA ILE A 20 10.59 -17.05 5.56
C ILE A 20 10.33 -16.60 4.14
N VAL A 21 10.27 -15.28 3.93
CA VAL A 21 9.91 -14.63 2.65
C VAL A 21 10.99 -13.67 2.18
N ARG A 22 11.03 -13.37 0.89
CA ARG A 22 12.00 -12.40 0.34
C ARG A 22 11.26 -11.28 -0.42
N ILE A 23 11.55 -10.00 -0.11
CA ILE A 23 10.89 -8.84 -0.74
C ILE A 23 11.95 -7.88 -1.29
N GLU A 24 11.67 -7.27 -2.45
CA GLU A 24 12.63 -6.35 -3.05
C GLU A 24 12.48 -4.99 -2.43
N LYS A 25 13.61 -4.32 -2.15
CA LYS A 25 13.57 -2.94 -1.64
C LYS A 25 14.47 -2.09 -2.53
N ALA A 26 13.97 -0.92 -2.99
CA ALA A 26 14.79 -0.03 -3.79
C ALA A 26 15.55 0.90 -2.83
N ARG A 27 16.75 1.37 -3.22
CA ARG A 27 17.53 2.29 -2.38
C ARG A 27 16.72 3.55 -2.01
N ASP A 28 16.49 3.77 -0.72
CA ASP A 28 15.81 4.94 -0.13
C ASP A 28 14.28 5.03 -0.44
N ILE A 29 13.68 3.91 -0.90
CA ILE A 29 12.25 3.79 -1.18
C ILE A 29 11.69 2.80 -0.16
N PRO A 30 10.80 3.27 0.73
CA PRO A 30 10.29 2.39 1.78
C PRO A 30 9.40 1.24 1.29
N LEU A 31 9.50 0.10 2.01
CA LEU A 31 8.72 -1.10 1.75
C LEU A 31 7.21 -0.88 1.83
N GLY A 32 6.78 0.14 2.57
CA GLY A 32 5.36 0.45 2.71
C GLY A 32 4.63 -0.46 3.67
N ALA A 33 5.13 -0.48 4.92
CA ALA A 33 4.60 -1.26 6.05
C ALA A 33 4.95 -0.50 7.32
N THR A 34 3.95 -0.01 8.07
CA THR A 34 4.21 0.70 9.32
C THR A 34 4.46 -0.34 10.44
N VAL A 35 5.39 -0.05 11.37
CA VAL A 35 5.68 -0.99 12.45
C VAL A 35 5.46 -0.38 13.83
N ARG A 36 5.08 -1.23 14.82
CA ARG A 36 4.92 -0.85 16.22
C ARG A 36 5.64 -1.88 17.11
N ASN A 37 5.97 -1.50 18.34
CA ASN A 37 6.61 -2.41 19.28
C ASN A 37 5.57 -2.90 20.28
N GLU A 38 5.35 -4.20 20.30
CA GLU A 38 4.46 -4.83 21.25
C GLU A 38 5.37 -5.58 22.18
N MET A 39 5.62 -5.03 23.37
CA MET A 39 6.53 -5.62 24.35
C MET A 39 7.95 -5.59 23.77
N ASP A 40 8.64 -6.72 23.63
CA ASP A 40 9.98 -6.75 23.05
C ASP A 40 9.92 -6.83 21.53
N SER A 41 9.02 -7.66 21.02
CA SER A 41 8.86 -7.96 19.62
C SER A 41 8.45 -6.77 18.76
N VAL A 42 8.68 -6.87 17.45
CA VAL A 42 8.31 -5.84 16.51
C VAL A 42 7.16 -6.39 15.63
N ILE A 43 6.00 -5.69 15.63
CA ILE A 43 4.81 -6.14 14.90
C ILE A 43 4.46 -5.19 13.72
N ILE A 44 4.13 -5.75 12.52
CA ILE A 44 3.67 -4.89 11.42
C ILE A 44 2.25 -4.47 11.77
N SER A 45 1.99 -3.15 11.80
CA SER A 45 0.64 -2.68 12.13
C SER A 45 -0.20 -2.35 10.88
N ARG A 46 0.45 -1.89 9.81
CA ARG A 46 -0.26 -1.55 8.57
C ARG A 46 0.55 -1.88 7.34
N ILE A 47 -0.12 -2.17 6.22
CA ILE A 47 0.51 -2.40 4.93
C ILE A 47 -0.01 -1.28 4.02
N VAL A 48 0.88 -0.37 3.59
CA VAL A 48 0.50 0.76 2.74
C VAL A 48 -0.04 0.33 1.37
N LYS A 49 -1.17 0.87 0.96
CA LYS A 49 -1.77 0.56 -0.34
C LYS A 49 -0.81 0.89 -1.51
N GLY A 50 -0.42 -0.16 -2.24
CA GLY A 50 0.41 -0.04 -3.42
C GLY A 50 1.92 -0.09 -3.22
N GLY A 51 2.36 -0.31 -1.99
CA GLY A 51 3.79 -0.39 -1.68
C GLY A 51 4.42 -1.70 -2.07
N ALA A 52 5.76 -1.81 -1.95
CA ALA A 52 6.46 -3.04 -2.33
C ALA A 52 5.98 -4.25 -1.54
N ALA A 53 5.60 -4.06 -0.26
CA ALA A 53 5.10 -5.15 0.59
C ALA A 53 3.67 -5.57 0.17
N GLU A 54 2.80 -4.61 -0.21
CA GLU A 54 1.46 -4.95 -0.66
C GLU A 54 1.47 -5.73 -1.98
N LYS A 55 2.22 -5.27 -2.99
CA LYS A 55 2.28 -5.97 -4.28
C LYS A 55 2.79 -7.43 -4.13
N SER A 56 3.86 -7.66 -3.32
CA SER A 56 4.47 -8.99 -3.14
C SER A 56 3.53 -9.99 -2.53
N GLY A 57 2.72 -9.52 -1.58
CA GLY A 57 1.75 -10.33 -0.87
C GLY A 57 2.37 -11.20 0.21
N LEU A 58 3.63 -10.94 0.60
CA LEU A 58 4.30 -11.76 1.63
C LEU A 58 4.43 -11.08 3.02
N LEU A 59 4.08 -9.80 3.11
CA LEU A 59 4.16 -9.05 4.35
C LEU A 59 2.72 -8.64 4.74
N HIS A 60 2.30 -8.96 5.98
CA HIS A 60 0.94 -8.69 6.41
C HIS A 60 0.79 -7.93 7.73
N GLU A 61 -0.33 -7.18 7.85
CA GLU A 61 -0.69 -6.47 9.07
C GLU A 61 -0.91 -7.52 10.17
N GLY A 62 0.01 -7.58 11.11
CA GLY A 62 -0.09 -8.55 12.20
C GLY A 62 1.12 -9.46 12.38
N ASP A 63 1.96 -9.58 11.33
CA ASP A 63 3.16 -10.41 11.39
C ASP A 63 4.17 -9.88 12.40
N GLU A 64 4.94 -10.83 13.04
CA GLU A 64 6.01 -10.44 13.93
C GLU A 64 7.30 -10.53 13.15
N VAL A 65 8.15 -9.49 13.22
CA VAL A 65 9.44 -9.54 12.53
C VAL A 65 10.52 -10.02 13.44
N LEU A 66 10.92 -11.28 13.25
CA LEU A 66 11.99 -11.86 14.04
C LEU A 66 13.35 -11.37 13.52
N GLU A 67 13.54 -11.41 12.22
CA GLU A 67 14.82 -11.10 11.61
C GLU A 67 14.67 -10.53 10.20
N ILE A 68 15.64 -9.73 9.77
CA ILE A 68 15.70 -9.15 8.42
C ILE A 68 17.16 -9.17 8.05
N ASN A 69 17.49 -9.91 6.98
CA ASN A 69 18.84 -10.06 6.45
C ASN A 69 19.90 -10.38 7.53
N GLY A 70 19.64 -11.42 8.33
CA GLY A 70 20.53 -11.88 9.39
C GLY A 70 20.71 -11.00 10.61
N ILE A 71 19.77 -10.08 10.82
CA ILE A 71 19.81 -9.14 11.93
C ILE A 71 18.59 -9.29 12.79
N GLU A 72 18.79 -9.61 14.08
CA GLU A 72 17.74 -9.78 15.07
C GLU A 72 16.92 -8.53 15.20
N ILE A 73 15.64 -8.59 14.82
CA ILE A 73 14.74 -7.46 14.93
C ILE A 73 13.98 -7.54 16.27
N ARG A 74 13.62 -8.75 16.74
CA ARG A 74 12.90 -8.90 18.01
C ARG A 74 13.76 -8.39 19.16
N GLY A 75 13.21 -7.48 19.94
CA GLY A 75 13.93 -6.89 21.07
C GLY A 75 14.65 -5.61 20.75
N LYS A 76 14.29 -4.95 19.64
CA LYS A 76 14.89 -3.70 19.20
C LYS A 76 13.82 -2.63 19.11
N ASP A 77 14.22 -1.39 19.37
CA ASP A 77 13.30 -0.26 19.29
C ASP A 77 12.91 -0.06 17.82
N VAL A 78 11.66 0.38 17.54
CA VAL A 78 11.27 0.61 16.15
C VAL A 78 12.10 1.72 15.52
N ASN A 79 12.66 2.67 16.32
CA ASN A 79 13.55 3.68 15.75
C ASN A 79 14.83 3.02 15.18
N GLU A 80 15.28 1.90 15.77
CA GLU A 80 16.45 1.16 15.30
C GLU A 80 16.11 0.33 14.06
N VAL A 81 14.92 -0.26 14.02
CA VAL A 81 14.49 -1.02 12.84
C VAL A 81 14.39 -0.07 11.63
N PHE A 82 13.94 1.18 11.87
CA PHE A 82 13.84 2.22 10.84
C PHE A 82 15.21 2.49 10.25
N ASP A 83 16.22 2.66 11.12
CA ASP A 83 17.58 2.94 10.68
C ASP A 83 18.17 1.77 9.92
N LEU A 84 17.97 0.56 10.41
CA LEU A 84 18.45 -0.66 9.77
C LEU A 84 17.85 -0.80 8.38
N LEU A 85 16.54 -0.56 8.27
CA LEU A 85 15.82 -0.67 7.01
C LEU A 85 16.17 0.43 6.01
N SER A 86 16.42 1.68 6.47
CA SER A 86 16.75 2.80 5.58
C SER A 86 18.01 2.54 4.72
N ASP A 87 18.97 1.76 5.25
CA ASP A 87 20.21 1.41 4.56
C ASP A 87 20.12 0.03 3.91
N MET A 88 18.92 -0.41 3.51
CA MET A 88 18.75 -1.70 2.85
C MET A 88 18.20 -1.59 1.43
N HIS A 89 18.63 -2.54 0.58
CA HIS A 89 18.21 -2.61 -0.83
C HIS A 89 18.41 -4.01 -1.38
N GLY A 90 17.62 -4.33 -2.38
CA GLY A 90 17.65 -5.61 -3.07
C GLY A 90 16.76 -6.62 -2.41
N THR A 91 17.15 -7.90 -2.49
CA THR A 91 16.34 -8.93 -1.86
C THR A 91 16.59 -8.90 -0.38
N LEU A 92 15.54 -8.62 0.38
CA LEU A 92 15.62 -8.63 1.83
C LEU A 92 14.93 -9.92 2.29
N THR A 93 15.63 -10.75 3.11
CA THR A 93 15.03 -11.96 3.64
C THR A 93 14.41 -11.68 5.01
N PHE A 94 13.11 -11.90 5.10
CA PHE A 94 12.34 -11.72 6.33
C PHE A 94 11.97 -13.03 6.97
N VAL A 95 12.28 -13.14 8.27
CA VAL A 95 11.92 -14.25 9.13
C VAL A 95 10.74 -13.72 9.96
N LEU A 96 9.56 -14.32 9.80
CA LEU A 96 8.35 -13.81 10.44
C LEU A 96 7.56 -14.88 11.15
N ILE A 97 6.71 -14.44 12.10
CA ILE A 97 5.73 -15.28 12.78
C ILE A 97 4.39 -14.64 12.48
N PRO A 98 3.67 -15.16 11.46
CA PRO A 98 2.34 -14.64 11.14
C PRO A 98 1.34 -14.67 12.32
N SER A 99 0.35 -13.76 12.25
CA SER A 99 -0.70 -13.61 13.26
C SER A 99 -1.58 -14.87 13.37
N THR B 2 24.22 30.18 -61.48
CA THR B 2 24.07 31.42 -62.23
C THR B 2 22.75 32.08 -61.94
N ASP B 3 22.73 33.43 -61.94
CA ASP B 3 21.65 34.44 -61.77
C ASP B 3 20.76 34.28 -60.49
N GLU B 4 20.15 33.11 -60.21
CA GLU B 4 19.37 32.94 -58.99
C GLU B 4 19.55 31.52 -58.46
N ARG B 5 20.10 31.39 -57.26
CA ARG B 5 20.39 30.11 -56.65
C ARG B 5 19.62 30.08 -55.37
N VAL B 6 18.71 29.13 -55.23
CA VAL B 6 17.82 29.07 -54.08
C VAL B 6 18.13 27.86 -53.18
N TYR B 7 18.35 28.14 -51.90
CA TYR B 7 18.72 27.12 -50.95
C TYR B 7 17.66 27.07 -49.89
N GLU B 8 16.69 26.18 -50.06
CA GLU B 8 15.55 26.05 -49.18
C GLU B 8 15.81 25.26 -47.89
N SER B 9 14.87 25.35 -46.92
CA SER B 9 14.82 24.57 -45.69
C SER B 9 15.99 24.75 -44.69
N ILE B 10 16.74 25.89 -44.73
CA ILE B 10 17.85 26.16 -43.81
C ILE B 10 17.33 26.39 -42.36
N GLY B 11 17.77 25.59 -41.42
CA GLY B 11 17.31 25.71 -40.04
C GLY B 11 16.02 24.93 -39.76
N GLN B 12 15.74 23.93 -40.59
CA GLN B 12 14.63 23.03 -40.44
C GLN B 12 14.71 22.31 -39.09
N TYR B 13 13.57 22.07 -38.50
CA TYR B 13 13.49 21.41 -37.21
C TYR B 13 12.17 20.66 -37.19
N GLY B 14 12.18 19.49 -36.59
CA GLY B 14 10.97 18.66 -36.54
C GLY B 14 10.13 18.79 -35.28
N GLY B 15 10.54 19.70 -34.41
CA GLY B 15 9.84 20.01 -33.17
C GLY B 15 10.20 19.08 -32.05
N GLU B 16 9.44 19.19 -30.93
CA GLU B 16 9.56 18.38 -29.72
C GLU B 16 8.30 17.52 -29.51
N THR B 17 8.45 16.46 -28.71
CA THR B 17 7.35 15.61 -28.36
C THR B 17 6.94 15.95 -26.94
N VAL B 18 5.64 15.99 -26.70
CA VAL B 18 5.08 16.19 -25.40
C VAL B 18 4.45 14.84 -25.05
N LYS B 19 4.78 14.33 -23.87
CA LYS B 19 4.33 13.04 -23.37
C LYS B 19 3.40 13.25 -22.21
N ILE B 20 2.25 12.58 -22.20
CA ILE B 20 1.29 12.67 -21.09
C ILE B 20 1.11 11.25 -20.58
N VAL B 21 1.66 10.96 -19.39
CA VAL B 21 1.68 9.63 -18.78
C VAL B 21 1.06 9.62 -17.38
N ARG B 22 0.62 8.47 -16.90
CA ARG B 22 0.05 8.36 -15.55
C ARG B 22 0.83 7.31 -14.75
N ILE B 23 1.26 7.65 -13.52
CA ILE B 23 2.04 6.74 -12.65
C ILE B 23 1.37 6.62 -11.27
N GLU B 24 1.38 5.42 -10.68
CA GLU B 24 0.77 5.22 -9.37
C GLU B 24 1.76 5.60 -8.29
N LYS B 25 1.30 6.31 -7.26
CA LYS B 25 2.16 6.65 -6.12
C LYS B 25 1.43 6.26 -4.83
N ALA B 26 2.13 5.56 -3.91
CA ALA B 26 1.54 5.19 -2.63
C ALA B 26 1.75 6.34 -1.63
N ARG B 27 0.85 6.51 -0.64
CA ARG B 27 1.01 7.57 0.35
C ARG B 27 2.37 7.46 1.09
N ASP B 28 3.19 8.51 0.98
CA ASP B 28 4.50 8.67 1.64
C ASP B 28 5.61 7.71 1.13
N ILE B 29 5.39 7.10 -0.05
CA ILE B 29 6.35 6.21 -0.72
C ILE B 29 6.79 6.92 -2.01
N PRO B 30 8.07 7.29 -2.10
CA PRO B 30 8.55 8.03 -3.26
C PRO B 30 8.51 7.26 -4.57
N LEU B 31 8.27 8.00 -5.65
CA LEU B 31 8.24 7.47 -7.00
C LEU B 31 9.58 6.89 -7.47
N GLY B 32 10.67 7.35 -6.89
CA GLY B 32 11.99 6.87 -7.24
C GLY B 32 12.55 7.52 -8.47
N ALA B 33 12.64 8.86 -8.44
CA ALA B 33 13.19 9.68 -9.51
C ALA B 33 13.78 10.94 -8.89
N THR B 34 15.10 11.13 -9.00
CA THR B 34 15.74 12.33 -8.45
C THR B 34 15.55 13.49 -9.43
N VAL B 35 15.34 14.73 -8.92
CA VAL B 35 15.16 15.87 -9.81
C VAL B 35 16.18 16.98 -9.56
N ARG B 36 16.50 17.75 -10.63
CA ARG B 36 17.38 18.92 -10.57
C ARG B 36 16.72 20.09 -11.33
N ASN B 37 17.13 21.32 -11.04
CA ASN B 37 16.60 22.49 -11.73
C ASN B 37 17.61 22.95 -12.76
N GLU B 38 17.22 22.96 -14.02
CA GLU B 38 18.04 23.45 -15.10
C GLU B 38 17.37 24.71 -15.53
N MET B 39 17.90 25.87 -15.15
CA MET B 39 17.32 27.16 -15.47
C MET B 39 15.97 27.28 -14.75
N ASP B 40 14.85 27.51 -15.45
CA ASP B 40 13.54 27.60 -14.80
C ASP B 40 12.91 26.21 -14.68
N SER B 41 13.00 25.41 -15.75
CA SER B 41 12.44 24.09 -15.87
C SER B 41 12.97 23.09 -14.82
N VAL B 42 12.23 21.99 -14.58
CA VAL B 42 12.62 20.94 -13.65
C VAL B 42 12.92 19.68 -14.47
N ILE B 43 14.12 19.12 -14.34
CA ILE B 43 14.55 17.97 -15.13
C ILE B 43 14.76 16.72 -14.27
N ILE B 44 14.30 15.54 -14.75
CA ILE B 44 14.55 14.28 -14.06
C ILE B 44 16.01 13.95 -14.29
N SER B 45 16.81 13.78 -13.22
CA SER B 45 18.23 13.46 -13.41
C SER B 45 18.53 11.96 -13.28
N ARG B 46 17.78 11.26 -12.43
CA ARG B 46 17.99 9.83 -12.24
C ARG B 46 16.69 9.09 -11.98
N ILE B 47 16.63 7.81 -12.34
CA ILE B 47 15.47 6.96 -12.07
C ILE B 47 15.99 5.86 -11.14
N VAL B 48 15.49 5.82 -9.90
CA VAL B 48 15.91 4.86 -8.88
C VAL B 48 15.59 3.43 -9.27
N LYS B 49 16.56 2.56 -9.18
CA LYS B 49 16.44 1.15 -9.48
C LYS B 49 15.33 0.44 -8.64
N GLY B 50 14.26 0.01 -9.32
CA GLY B 50 13.17 -0.71 -8.69
C GLY B 50 12.00 0.11 -8.18
N GLY B 51 12.04 1.42 -8.37
CA GLY B 51 10.99 2.30 -7.90
C GLY B 51 9.75 2.28 -8.77
N ALA B 52 8.67 2.97 -8.31
CA ALA B 52 7.43 2.99 -9.07
C ALA B 52 7.63 3.61 -10.46
N ALA B 53 8.56 4.55 -10.61
CA ALA B 53 8.83 5.16 -11.92
C ALA B 53 9.55 4.16 -12.83
N GLU B 54 10.57 3.44 -12.30
CA GLU B 54 11.28 2.48 -13.10
C GLU B 54 10.40 1.35 -13.62
N LYS B 55 9.57 0.75 -12.76
CA LYS B 55 8.69 -0.35 -13.18
C LYS B 55 7.68 0.08 -14.26
N SER B 56 7.09 1.30 -14.14
CA SER B 56 6.09 1.79 -15.11
C SER B 56 6.66 1.97 -16.49
N GLY B 57 7.90 2.44 -16.55
CA GLY B 57 8.62 2.69 -17.79
C GLY B 57 8.18 3.95 -18.49
N LEU B 58 7.45 4.86 -17.79
CA LEU B 58 7.00 6.10 -18.44
C LEU B 58 7.78 7.37 -17.99
N LEU B 59 8.66 7.26 -16.99
CA LEU B 59 9.44 8.37 -16.50
C LEU B 59 10.91 8.06 -16.76
N HIS B 60 11.62 9.00 -17.43
CA HIS B 60 13.01 8.73 -17.80
C HIS B 60 14.01 9.82 -17.40
N GLU B 61 15.27 9.41 -17.19
CA GLU B 61 16.40 10.31 -16.90
C GLU B 61 16.56 11.21 -18.12
N GLY B 62 16.21 12.49 -17.98
CA GLY B 62 16.30 13.42 -19.09
C GLY B 62 15.04 14.22 -19.38
N ASP B 63 13.87 13.68 -18.96
CA ASP B 63 12.57 14.31 -19.19
C ASP B 63 12.44 15.66 -18.46
N GLU B 64 11.60 16.58 -19.02
CA GLU B 64 11.32 17.83 -18.35
C GLU B 64 9.94 17.69 -17.77
N VAL B 65 9.76 18.06 -16.49
CA VAL B 65 8.42 17.99 -15.89
C VAL B 65 7.70 19.32 -15.99
N LEU B 66 6.75 19.37 -16.91
CA LEU B 66 5.98 20.58 -17.11
C LEU B 66 4.92 20.68 -16.04
N GLU B 67 4.21 19.60 -15.80
CA GLU B 67 3.06 19.61 -14.90
C GLU B 67 2.84 18.24 -14.24
N ILE B 68 2.25 18.26 -13.04
CA ILE B 68 1.89 17.04 -12.30
C ILE B 68 0.56 17.34 -11.66
N ASN B 69 -0.47 16.57 -12.03
CA ASN B 69 -1.83 16.70 -11.53
C ASN B 69 -2.37 18.14 -11.55
N GLY B 70 -2.27 18.78 -12.71
CA GLY B 70 -2.77 20.15 -12.93
C GLY B 70 -2.02 21.27 -12.23
N ILE B 71 -0.77 21.01 -11.82
CA ILE B 71 0.07 21.97 -11.12
C ILE B 71 1.32 22.22 -11.90
N GLU B 72 1.55 23.48 -12.30
CA GLU B 72 2.70 23.94 -13.04
C GLU B 72 3.99 23.63 -12.27
N ILE B 73 4.81 22.75 -12.82
CA ILE B 73 6.08 22.40 -12.20
C ILE B 73 7.19 23.28 -12.80
N ARG B 74 7.12 23.61 -14.10
CA ARG B 74 8.14 24.46 -14.73
C ARG B 74 8.19 25.84 -14.08
N GLY B 75 9.37 26.24 -13.62
CA GLY B 75 9.55 27.53 -12.96
C GLY B 75 9.38 27.48 -11.44
N LYS B 76 9.51 26.28 -10.86
CA LYS B 76 9.39 26.06 -9.41
C LYS B 76 10.68 25.47 -8.88
N ASP B 77 11.02 25.80 -7.65
CA ASP B 77 12.21 25.26 -7.01
C ASP B 77 12.00 23.75 -6.77
N VAL B 78 13.07 22.95 -6.87
CA VAL B 78 12.92 21.51 -6.61
C VAL B 78 12.49 21.24 -5.17
N ASN B 79 12.79 22.14 -4.22
CA ASN B 79 12.30 21.95 -2.85
C ASN B 79 10.76 22.04 -2.82
N GLU B 80 10.14 22.84 -3.72
CA GLU B 80 8.69 22.96 -3.82
C GLU B 80 8.08 21.75 -4.51
N VAL B 81 8.76 21.22 -5.53
CA VAL B 81 8.28 20.02 -6.21
C VAL B 81 8.27 18.83 -5.23
N PHE B 82 9.28 18.78 -4.33
CA PHE B 82 9.37 17.75 -3.30
C PHE B 82 8.17 17.82 -2.38
N ASP B 83 7.80 19.02 -1.94
CA ASP B 83 6.68 19.22 -1.04
C ASP B 83 5.36 18.86 -1.72
N LEU B 84 5.19 19.28 -2.97
CA LEU B 84 3.99 19.00 -3.76
C LEU B 84 3.83 17.49 -3.92
N LEU B 85 4.93 16.80 -4.23
CA LEU B 85 4.92 15.36 -4.45
C LEU B 85 4.71 14.56 -3.16
N SER B 86 5.25 15.02 -2.01
CA SER B 86 5.10 14.31 -0.73
C SER B 86 3.63 14.12 -0.31
N ASP B 87 2.75 15.05 -0.70
CA ASP B 87 1.31 14.99 -0.40
C ASP B 87 0.52 14.43 -1.58
N MET B 88 1.13 13.56 -2.39
CA MET B 88 0.42 12.97 -3.53
C MET B 88 0.32 11.44 -3.44
N HIS B 89 -0.79 10.90 -3.97
CA HIS B 89 -1.08 9.47 -3.98
C HIS B 89 -2.10 9.12 -5.07
N GLY B 90 -2.04 7.88 -5.53
CA GLY B 90 -2.91 7.37 -6.57
C GLY B 90 -2.36 7.63 -7.95
N THR B 91 -3.25 7.82 -8.93
CA THR B 91 -2.81 8.10 -10.29
C THR B 91 -2.38 9.52 -10.37
N LEU B 92 -1.12 9.75 -10.68
CA LEU B 92 -0.59 11.08 -10.88
C LEU B 92 -0.41 11.24 -12.37
N THR B 93 -0.98 12.32 -12.94
CA THR B 93 -0.81 12.60 -14.37
C THR B 93 0.38 13.53 -14.59
N PHE B 94 1.37 13.06 -15.34
CA PHE B 94 2.56 13.82 -15.67
C PHE B 94 2.55 14.31 -17.11
N VAL B 95 2.81 15.62 -17.27
CA VAL B 95 2.97 16.30 -18.57
C VAL B 95 4.47 16.51 -18.72
N LEU B 96 5.07 15.88 -19.70
CA LEU B 96 6.52 15.90 -19.85
C LEU B 96 6.98 16.25 -21.24
N ILE B 97 8.23 16.69 -21.35
CA ILE B 97 8.92 16.90 -22.61
C ILE B 97 10.15 16.00 -22.52
N PRO B 98 10.09 14.82 -23.14
CA PRO B 98 11.26 13.92 -23.17
C PRO B 98 12.52 14.53 -23.78
N SER B 99 13.68 13.97 -23.38
CA SER B 99 15.00 14.39 -23.83
C SER B 99 15.18 14.27 -25.36
N PRO C 8 3.66 7.50 17.54
CA PRO C 8 3.23 7.00 16.23
C PRO C 8 4.09 5.84 15.66
N ASP C 9 3.47 5.03 14.77
CA ASP C 9 4.11 3.89 14.11
C ASP C 9 5.00 4.43 13.00
N LEU C 10 6.20 3.86 12.81
CA LEU C 10 7.15 4.32 11.79
C LEU C 10 6.95 3.64 10.47
N LEU C 11 7.16 4.37 9.36
CA LEU C 11 6.90 3.84 8.03
C LEU C 11 7.77 2.64 7.64
N VAL C 12 9.10 2.75 7.51
CA VAL C 12 9.96 1.61 7.13
C VAL C 12 9.70 1.09 5.64
N PRO D 8 22.63 16.41 -4.01
CA PRO D 8 21.70 17.51 -3.75
C PRO D 8 20.53 17.55 -4.74
N ASP D 9 20.11 16.37 -5.26
CA ASP D 9 19.00 16.22 -6.19
C ASP D 9 17.93 15.47 -5.40
N LEU D 10 16.86 16.15 -4.97
CA LEU D 10 15.81 15.56 -4.16
C LEU D 10 15.19 14.32 -4.76
N LEU D 11 14.93 13.30 -3.90
CA LEU D 11 14.38 12.00 -4.32
C LEU D 11 12.99 12.07 -4.94
N VAL D 12 11.98 12.65 -4.28
CA VAL D 12 10.64 12.78 -4.89
C VAL D 12 9.92 11.41 -5.22
N VAL E 18 -29.92 -0.24 17.49
CA VAL E 18 -29.44 -0.22 16.11
C VAL E 18 -28.06 0.43 16.09
N LYS E 19 -27.09 -0.27 15.51
CA LYS E 19 -25.69 0.11 15.46
C LYS E 19 -25.32 0.46 14.02
N ILE E 20 -24.67 1.59 13.79
CA ILE E 20 -24.24 1.98 12.44
C ILE E 20 -22.73 2.16 12.52
N VAL E 21 -21.97 1.21 11.95
CA VAL E 21 -20.52 1.16 12.01
C VAL E 21 -19.85 1.17 10.64
N ARG E 22 -18.55 1.52 10.61
CA ARG E 22 -17.74 1.57 9.39
C ARG E 22 -16.51 0.67 9.59
N ILE E 23 -16.25 -0.29 8.68
CA ILE E 23 -15.10 -1.20 8.75
C ILE E 23 -14.38 -1.32 7.37
N GLU E 24 -13.06 -1.01 7.31
CA GLU E 24 -12.27 -1.06 6.06
C GLU E 24 -12.10 -2.49 5.56
N LYS E 25 -12.09 -2.65 4.23
CA LYS E 25 -11.89 -3.92 3.55
C LYS E 25 -11.07 -3.67 2.27
N ALA E 26 -10.10 -4.55 1.98
CA ALA E 26 -9.31 -4.44 0.75
C ALA E 26 -10.00 -5.27 -0.36
N ARG E 27 -9.65 -5.03 -1.64
CA ARG E 27 -10.21 -5.81 -2.73
C ARG E 27 -9.82 -7.29 -2.61
N ASP E 28 -10.83 -8.18 -2.54
CA ASP E 28 -10.70 -9.65 -2.47
C ASP E 28 -10.09 -10.19 -1.16
N ILE E 29 -10.05 -9.37 -0.10
CA ILE E 29 -9.56 -9.75 1.22
C ILE E 29 -10.75 -9.78 2.18
N PRO E 30 -11.07 -10.96 2.73
CA PRO E 30 -12.25 -11.07 3.62
C PRO E 30 -12.15 -10.31 4.94
N LEU E 31 -13.30 -9.84 5.44
CA LEU E 31 -13.40 -9.12 6.70
C LEU E 31 -13.21 -10.03 7.92
N GLY E 32 -13.59 -11.30 7.79
CA GLY E 32 -13.47 -12.24 8.88
C GLY E 32 -14.72 -12.28 9.73
N ALA E 33 -15.87 -12.55 9.09
CA ALA E 33 -17.16 -12.61 9.76
C ALA E 33 -18.06 -13.62 9.03
N THR E 34 -18.20 -14.85 9.58
CA THR E 34 -19.04 -15.87 8.94
C THR E 34 -20.54 -15.57 9.14
N VAL E 35 -21.35 -15.80 8.10
CA VAL E 35 -22.79 -15.52 8.03
C VAL E 35 -23.70 -16.79 8.15
N ARG E 36 -24.76 -16.71 8.99
CA ARG E 36 -25.74 -17.77 9.22
C ARG E 36 -27.15 -17.25 8.90
N ASN E 37 -27.97 -18.02 8.17
CA ASN E 37 -29.34 -17.59 7.83
C ASN E 37 -30.35 -18.07 8.87
N GLU E 38 -31.28 -17.21 9.26
CA GLU E 38 -32.33 -17.57 10.22
C GLU E 38 -33.60 -16.96 9.72
N MET E 39 -34.44 -17.76 9.05
CA MET E 39 -35.67 -17.30 8.44
C MET E 39 -35.32 -16.30 7.31
N ASP E 40 -35.80 -15.05 7.36
CA ASP E 40 -35.47 -14.06 6.34
C ASP E 40 -34.15 -13.36 6.68
N SER E 41 -33.99 -12.98 7.94
CA SER E 41 -32.84 -12.24 8.48
C SER E 41 -31.47 -12.93 8.33
N VAL E 42 -30.45 -12.14 7.95
CA VAL E 42 -29.06 -12.58 7.80
C VAL E 42 -28.33 -12.31 9.13
N ILE E 43 -27.69 -13.34 9.71
CA ILE E 43 -27.01 -13.23 11.01
C ILE E 43 -25.48 -13.43 10.86
N ILE E 44 -24.70 -12.99 11.86
CA ILE E 44 -23.26 -13.23 11.90
C ILE E 44 -23.07 -14.28 13.00
N SER E 45 -22.47 -15.41 12.64
CA SER E 45 -22.26 -16.53 13.56
C SER E 45 -20.88 -16.57 14.19
N ARG E 46 -19.83 -16.20 13.47
CA ARG E 46 -18.47 -16.20 14.01
C ARG E 46 -17.68 -14.96 13.56
N ILE E 47 -16.65 -14.59 14.33
CA ILE E 47 -15.74 -13.51 13.98
C ILE E 47 -14.35 -14.15 13.91
N VAL E 48 -13.75 -14.19 12.70
CA VAL E 48 -12.45 -14.80 12.47
C VAL E 48 -11.33 -14.12 13.25
N LYS E 49 -10.53 -14.91 13.95
CA LYS E 49 -9.40 -14.48 14.75
C LYS E 49 -8.37 -13.68 13.92
N GLY E 50 -8.25 -12.38 14.20
CA GLY E 50 -7.28 -11.51 13.55
C GLY E 50 -7.74 -10.75 12.31
N GLY E 51 -8.99 -10.94 11.93
CA GLY E 51 -9.55 -10.29 10.75
C GLY E 51 -9.89 -8.83 10.95
N ALA E 52 -10.34 -8.14 9.86
CA ALA E 52 -10.75 -6.72 9.89
C ALA E 52 -12.03 -6.47 10.72
N ALA E 53 -12.78 -7.54 11.03
CA ALA E 53 -13.98 -7.49 11.88
C ALA E 53 -13.62 -7.69 13.37
N GLU E 54 -12.49 -8.38 13.66
CA GLU E 54 -12.02 -8.59 15.02
C GLU E 54 -11.19 -7.41 15.56
N LYS E 55 -10.20 -6.93 14.77
CA LYS E 55 -9.30 -5.81 15.11
C LYS E 55 -10.02 -4.45 15.24
N SER E 56 -11.14 -4.24 14.52
CA SER E 56 -11.95 -3.00 14.57
C SER E 56 -12.81 -2.95 15.82
N GLY E 57 -13.33 -4.11 16.21
CA GLY E 57 -14.18 -4.24 17.38
C GLY E 57 -15.62 -3.79 17.16
N LEU E 58 -16.03 -3.60 15.88
CA LEU E 58 -17.39 -3.13 15.59
C LEU E 58 -18.35 -4.23 15.05
N LEU E 59 -17.81 -5.42 14.73
CA LEU E 59 -18.62 -6.51 14.21
C LEU E 59 -18.57 -7.66 15.21
N HIS E 60 -19.74 -8.17 15.66
CA HIS E 60 -19.75 -9.22 16.68
C HIS E 60 -20.59 -10.47 16.36
N GLU E 61 -20.19 -11.61 16.94
CA GLU E 61 -20.91 -12.88 16.81
C GLU E 61 -22.26 -12.69 17.51
N GLY E 62 -23.35 -12.69 16.75
CA GLY E 62 -24.68 -12.51 17.31
C GLY E 62 -25.48 -11.35 16.76
N ASP E 63 -24.80 -10.40 16.07
CA ASP E 63 -25.46 -9.22 15.47
C ASP E 63 -26.24 -9.61 14.18
N GLU E 64 -27.22 -8.78 13.79
CA GLU E 64 -28.00 -9.00 12.57
C GLU E 64 -27.56 -7.97 11.55
N VAL E 65 -27.28 -8.39 10.31
CA VAL E 65 -26.86 -7.45 9.26
C VAL E 65 -28.08 -7.01 8.43
N LEU E 66 -28.58 -5.79 8.70
CA LEU E 66 -29.76 -5.21 8.04
C LEU E 66 -29.41 -4.59 6.69
N GLU E 67 -28.23 -3.97 6.57
CA GLU E 67 -27.79 -3.31 5.35
C GLU E 67 -26.25 -3.16 5.32
N ILE E 68 -25.68 -3.13 4.10
CA ILE E 68 -24.26 -2.91 3.87
C ILE E 68 -24.17 -2.04 2.64
N ASN E 69 -23.62 -0.83 2.80
CA ASN E 69 -23.45 0.15 1.73
C ASN E 69 -24.71 0.37 0.88
N GLY E 70 -25.82 0.67 1.55
CA GLY E 70 -27.11 0.96 0.92
C GLY E 70 -27.81 -0.20 0.23
N ILE E 71 -27.44 -1.44 0.60
CA ILE E 71 -28.02 -2.65 0.02
C ILE E 71 -28.66 -3.49 1.10
N GLU E 72 -29.97 -3.74 0.97
CA GLU E 72 -30.75 -4.55 1.91
C GLU E 72 -30.17 -5.95 2.01
N ILE E 73 -29.67 -6.31 3.18
CA ILE E 73 -29.12 -7.65 3.42
C ILE E 73 -30.22 -8.57 4.02
N ARG E 74 -31.12 -8.02 4.86
CA ARG E 74 -32.20 -8.82 5.44
C ARG E 74 -33.15 -9.33 4.35
N GLY E 75 -33.35 -10.62 4.29
CA GLY E 75 -34.21 -11.23 3.27
C GLY E 75 -33.45 -11.73 2.05
N LYS E 76 -32.13 -11.93 2.19
CA LYS E 76 -31.26 -12.40 1.12
C LYS E 76 -30.59 -13.70 1.52
N ASP E 77 -30.31 -14.55 0.53
CA ASP E 77 -29.62 -15.81 0.75
C ASP E 77 -28.17 -15.53 1.16
N VAL E 78 -27.60 -16.46 1.98
CA VAL E 78 -26.22 -16.51 2.50
C VAL E 78 -25.18 -16.53 1.37
N ASN E 79 -25.58 -16.97 0.18
CA ASN E 79 -24.72 -17.02 -0.99
C ASN E 79 -24.71 -15.66 -1.72
N GLU E 80 -25.81 -14.87 -1.63
CA GLU E 80 -25.91 -13.54 -2.24
C GLU E 80 -25.13 -12.51 -1.43
N VAL E 81 -25.16 -12.62 -0.09
CA VAL E 81 -24.40 -11.73 0.80
C VAL E 81 -22.87 -11.93 0.58
N PHE E 82 -22.44 -13.15 0.18
CA PHE E 82 -21.06 -13.47 -0.15
C PHE E 82 -20.66 -12.76 -1.44
N ASP E 83 -21.52 -12.85 -2.47
CA ASP E 83 -21.24 -12.23 -3.76
C ASP E 83 -21.20 -10.72 -3.67
N LEU E 84 -22.14 -10.13 -2.93
CA LEU E 84 -22.22 -8.69 -2.74
C LEU E 84 -20.95 -8.19 -2.05
N LEU E 85 -20.50 -8.92 -1.01
CA LEU E 85 -19.31 -8.57 -0.26
C LEU E 85 -18.01 -8.75 -1.02
N SER E 86 -17.91 -9.79 -1.88
CA SER E 86 -16.68 -10.04 -2.66
C SER E 86 -16.31 -8.88 -3.61
N ASP E 87 -17.30 -8.11 -4.07
CA ASP E 87 -17.07 -6.95 -4.91
C ASP E 87 -17.11 -5.63 -4.12
N MET E 88 -16.69 -5.68 -2.84
CA MET E 88 -16.64 -4.47 -2.02
C MET E 88 -15.24 -4.14 -1.54
N HIS E 89 -14.93 -2.84 -1.45
CA HIS E 89 -13.63 -2.33 -1.00
C HIS E 89 -13.76 -0.91 -0.45
N GLY E 90 -12.83 -0.56 0.43
CA GLY E 90 -12.82 0.74 1.10
C GLY E 90 -13.64 0.73 2.37
N THR E 91 -14.27 1.86 2.68
CA THR E 91 -15.12 1.99 3.87
C THR E 91 -16.47 1.37 3.58
N LEU E 92 -16.86 0.39 4.39
CA LEU E 92 -18.14 -0.31 4.25
C LEU E 92 -19.05 0.13 5.41
N THR E 93 -20.21 0.73 5.10
CA THR E 93 -21.13 1.13 6.18
C THR E 93 -22.12 0.01 6.48
N PHE E 94 -22.08 -0.49 7.72
CA PHE E 94 -22.93 -1.55 8.19
C PHE E 94 -24.01 -1.03 9.12
N VAL E 95 -25.25 -1.41 8.83
CA VAL E 95 -26.42 -1.14 9.67
C VAL E 95 -26.68 -2.48 10.36
N LEU E 96 -26.61 -2.51 11.68
CA LEU E 96 -26.76 -3.76 12.43
C LEU E 96 -27.72 -3.65 13.60
N ILE E 97 -28.22 -4.81 14.05
CA ILE E 97 -29.01 -4.94 15.26
C ILE E 97 -28.24 -5.92 16.13
N PRO E 98 -27.45 -5.41 17.09
CA PRO E 98 -26.68 -6.32 17.95
C PRO E 98 -27.51 -7.29 18.80
N SER E 99 -26.87 -8.37 19.25
CA SER E 99 -27.48 -9.40 20.09
C SER E 99 -27.95 -8.85 21.45
#